data_8FRK
#
_entry.id   8FRK
#
_cell.length_a   109.174
_cell.length_b   109.174
_cell.length_c   48.659
_cell.angle_alpha   90.000
_cell.angle_beta   90.000
_cell.angle_gamma   120.000
#
_symmetry.space_group_name_H-M   'P 65'
#
loop_
_entity.id
_entity.type
_entity.pdbx_description
1 polymer 'Transcription factor ETV6,Guanine-N7 methyltransferase nsp14 chimera'
2 non-polymer 'ZINC ION'
3 non-polymer ETHANOL
4 non-polymer "5'-S-(4-{[(4'-chloro[1,1'-biphenyl]-3-yl)methyl]amino}butyl)-5'-thioadenosine"
5 non-polymer 'POTASSIUM ION'
6 water water
#
_entity_poly.entity_id   1
_entity_poly.type   'polypeptide(L)'
_entity_poly.pdbx_seq_one_letter_code
;GSIALPAHLRLQPIYWSRDDVAQWLKWAENEFSLRPIDSNTFEMNGKALLLLTKEDFRYRSPHSGDELYELLQHILAQPA
AGDELKINAACRKVQHMVVKAALLADKFPVLHDIGNPKAIKCVPQADVEWKFYDAQPCSDKAYKIEELFYSYATHSDKFT
DGVCLFWNCNVDRYPANSIVCRFDTRVLSNLNLPGCDGGSLYVNKHAFHTPAFDKSAFVNLKQLPFFYYSDSPCESHGKQ
VVSDIDYVPLKSATCITRCNLGGAVCRHHANEYRLYLDAYNMMISAGFSLWVYKQFDTYNLWNTFTRLQ
;
_entity_poly.pdbx_strand_id   A
#
loop_
_chem_comp.id
_chem_comp.type
_chem_comp.name
_chem_comp.formula
EOH non-polymer ETHANOL 'C2 H6 O'
K non-polymer 'POTASSIUM ION' 'K 1'
MJ7 non-polymer 5'-S-(4-{[(4'-chloro[1,1'-biphenyl]-3-yl)methyl]amino}butyl)-5'-thioadenosine 'C27 H31 Cl N6 O3 S'
ZN non-polymer 'ZINC ION' 'Zn 2'
#
# COMPACT_ATOMS: atom_id res chain seq x y z
N ALA A 7 -5.80 -0.40 -17.04
CA ALA A 7 -5.37 0.44 -15.93
C ALA A 7 -4.35 -0.31 -15.08
N HIS A 8 -4.49 -1.64 -15.05
CA HIS A 8 -3.50 -2.47 -14.39
C HIS A 8 -2.12 -2.26 -14.98
N LEU A 9 -2.04 -1.97 -16.27
CA LEU A 9 -0.76 -1.78 -16.92
C LEU A 9 -0.12 -0.44 -16.58
N ARG A 10 -0.88 0.45 -15.92
CA ARG A 10 -0.33 1.70 -15.40
C ARG A 10 0.61 1.48 -14.21
N LEU A 11 0.72 0.25 -13.70
CA LEU A 11 1.76 -0.08 -12.75
C LEU A 11 3.07 -0.37 -13.48
N GLN A 12 4.16 -0.39 -12.71
CA GLN A 12 5.41 -0.83 -13.27
C GLN A 12 5.32 -2.30 -13.66
N PRO A 13 5.93 -2.69 -14.79
CA PRO A 13 5.81 -4.09 -15.24
C PRO A 13 6.22 -5.09 -14.18
N ILE A 14 7.02 -4.68 -13.20
CA ILE A 14 7.43 -5.59 -12.13
C ILE A 14 6.26 -5.99 -11.25
N TYR A 15 5.15 -5.25 -11.30
CA TYR A 15 3.96 -5.62 -10.57
C TYR A 15 2.94 -6.36 -11.42
N TRP A 16 3.22 -6.55 -12.71
CA TRP A 16 2.25 -7.22 -13.55
C TRP A 16 2.12 -8.69 -13.17
N SER A 17 0.88 -9.18 -13.24
CA SER A 17 0.55 -10.57 -13.02
C SER A 17 0.69 -11.36 -14.32
N ARG A 18 0.41 -12.66 -14.26
CA ARG A 18 0.38 -13.45 -15.49
C ARG A 18 -0.71 -12.96 -16.42
N ASP A 19 -1.90 -12.65 -15.87
CA ASP A 19 -2.99 -12.17 -16.71
CA ASP A 19 -2.99 -12.17 -16.71
C ASP A 19 -2.66 -10.80 -17.31
N ASP A 20 -1.97 -9.94 -16.55
CA ASP A 20 -1.62 -8.61 -17.06
C ASP A 20 -0.71 -8.72 -18.28
N VAL A 21 0.34 -9.54 -18.20
CA VAL A 21 1.22 -9.74 -19.34
C VAL A 21 0.42 -10.17 -20.56
N ALA A 22 -0.57 -11.03 -20.35
CA ALA A 22 -1.38 -11.51 -21.46
C ALA A 22 -2.24 -10.39 -22.05
N GLN A 23 -2.83 -9.56 -21.18
CA GLN A 23 -3.56 -8.40 -21.67
C GLN A 23 -2.64 -7.43 -22.36
N TRP A 24 -1.42 -7.29 -21.84
CA TRP A 24 -0.43 -6.46 -22.52
C TRP A 24 -0.25 -6.89 -23.98
N LEU A 25 -0.09 -8.20 -24.21
CA LEU A 25 0.02 -8.71 -25.57
C LEU A 25 -1.17 -8.31 -26.43
N LYS A 26 -2.38 -8.54 -25.91
CA LYS A 26 -3.57 -8.22 -26.70
C LYS A 26 -3.61 -6.74 -27.04
N TRP A 27 -3.28 -5.88 -26.07
CA TRP A 27 -3.26 -4.45 -26.32
C TRP A 27 -2.27 -4.09 -27.42
N ALA A 28 -1.05 -4.64 -27.34
CA ALA A 28 -0.03 -4.30 -28.31
C ALA A 28 -0.36 -4.84 -29.69
N GLU A 29 -1.06 -5.97 -29.76
CA GLU A 29 -1.41 -6.55 -31.05
C GLU A 29 -2.32 -5.62 -31.84
N ASN A 30 -3.23 -4.93 -31.14
CA ASN A 30 -4.14 -3.97 -31.75
C ASN A 30 -3.51 -2.59 -31.91
N GLU A 31 -2.74 -2.13 -30.92
CA GLU A 31 -2.12 -0.81 -31.01
C GLU A 31 -1.11 -0.74 -32.17
N PHE A 32 -0.39 -1.82 -32.44
CA PHE A 32 0.66 -1.81 -33.45
C PHE A 32 0.35 -2.70 -34.65
N SER A 33 -0.86 -3.26 -34.72
CA SER A 33 -1.31 -4.05 -35.86
C SER A 33 -0.42 -5.27 -36.07
N LEU A 34 -0.14 -5.97 -34.98
CA LEU A 34 0.82 -7.06 -35.06
C LEU A 34 0.11 -8.36 -35.45
N ARG A 35 0.89 -9.28 -35.98
CA ARG A 35 0.41 -10.63 -36.11
C ARG A 35 -0.03 -11.11 -34.73
N PRO A 36 -1.22 -11.66 -34.57
CA PRO A 36 -1.71 -12.04 -33.24
C PRO A 36 -0.91 -13.18 -32.66
N ILE A 37 -0.49 -13.02 -31.40
CA ILE A 37 0.22 -14.08 -30.69
C ILE A 37 -0.73 -14.71 -29.67
N ASP A 38 -0.54 -16.01 -29.44
CA ASP A 38 -1.30 -16.72 -28.42
C ASP A 38 -1.08 -16.06 -27.06
N SER A 39 -2.15 -15.98 -26.28
CA SER A 39 -2.07 -15.30 -24.98
C SER A 39 -1.05 -15.97 -24.07
N ASN A 40 -0.81 -17.27 -24.23
CA ASN A 40 0.17 -18.01 -23.44
C ASN A 40 1.55 -18.03 -24.09
N THR A 41 1.88 -17.03 -24.91
CA THR A 41 3.22 -16.94 -25.46
C THR A 41 4.25 -16.58 -24.38
N PHE A 42 3.82 -15.86 -23.35
CA PHE A 42 4.66 -15.53 -22.19
C PHE A 42 3.91 -15.97 -20.92
N GLU A 43 3.97 -17.28 -20.62
CA GLU A 43 3.32 -17.84 -19.43
C GLU A 43 4.18 -17.51 -18.21
N MET A 44 4.04 -16.28 -17.74
CA MET A 44 4.87 -15.75 -16.67
C MET A 44 4.30 -14.40 -16.26
N ASN A 45 4.72 -13.92 -15.09
CA ASN A 45 4.34 -12.59 -14.64
C ASN A 45 5.43 -11.58 -15.04
N GLY A 46 5.17 -10.31 -14.71
CA GLY A 46 6.07 -9.25 -15.16
C GLY A 46 7.46 -9.35 -14.58
N LYS A 47 7.58 -9.85 -13.33
CA LYS A 47 8.90 -10.04 -12.74
C LYS A 47 9.74 -10.99 -13.60
N ALA A 48 9.15 -12.11 -14.04
CA ALA A 48 9.87 -13.02 -14.92
C ALA A 48 10.07 -12.39 -16.29
N LEU A 49 9.11 -11.59 -16.75
CA LEU A 49 9.23 -10.93 -18.04
C LEU A 49 10.42 -9.99 -18.06
N LEU A 50 10.72 -9.35 -16.94
CA LEU A 50 11.88 -8.45 -16.90
C LEU A 50 13.22 -9.20 -16.89
N LEU A 51 13.20 -10.53 -16.77
CA LEU A 51 14.45 -11.31 -16.78
C LEU A 51 14.83 -11.83 -18.15
N LEU A 52 13.90 -11.85 -19.11
CA LEU A 52 14.20 -12.41 -20.42
C LEU A 52 15.06 -11.46 -21.24
N THR A 53 15.82 -12.02 -22.17
CA THR A 53 16.58 -11.23 -23.13
C THR A 53 15.74 -10.94 -24.37
N LYS A 54 16.23 -9.99 -25.17
CA LYS A 54 15.54 -9.71 -26.43
C LYS A 54 15.51 -10.94 -27.32
N GLU A 55 16.58 -11.72 -27.32
CA GLU A 55 16.61 -12.97 -28.07
C GLU A 55 15.47 -13.90 -27.65
N ASP A 56 15.25 -14.05 -26.34
CA ASP A 56 14.12 -14.85 -25.89
C ASP A 56 12.81 -14.32 -26.44
N PHE A 57 12.67 -13.00 -26.57
CA PHE A 57 11.50 -12.45 -27.24
C PHE A 57 11.41 -12.90 -28.68
N ARG A 58 12.54 -12.83 -29.41
CA ARG A 58 12.51 -13.26 -30.80
C ARG A 58 12.15 -14.73 -30.93
N TYR A 59 12.64 -15.57 -30.01
CA TYR A 59 12.36 -17.00 -30.12
C TYR A 59 10.92 -17.31 -29.76
N ARG A 60 10.38 -16.63 -28.75
CA ARG A 60 9.00 -16.88 -28.34
C ARG A 60 7.99 -16.32 -29.32
N SER A 61 8.34 -15.27 -30.04
CA SER A 61 7.46 -14.69 -31.06
C SER A 61 8.31 -14.19 -32.20
N PRO A 62 8.56 -15.02 -33.21
CA PRO A 62 9.40 -14.58 -34.34
C PRO A 62 8.81 -13.40 -35.11
N HIS A 63 7.50 -13.22 -35.09
CA HIS A 63 6.87 -12.16 -35.87
C HIS A 63 6.79 -10.82 -35.15
N SER A 64 7.04 -10.77 -33.85
CA SER A 64 6.81 -9.52 -33.14
C SER A 64 7.51 -9.48 -31.80
N GLY A 65 8.44 -10.41 -31.57
CA GLY A 65 9.10 -10.46 -30.27
C GLY A 65 10.03 -9.28 -30.05
N ASP A 66 10.77 -8.90 -31.09
CA ASP A 66 11.67 -7.76 -30.99
C ASP A 66 10.91 -6.48 -30.75
N GLU A 67 9.82 -6.28 -31.49
CA GLU A 67 8.92 -5.15 -31.28
C GLU A 67 8.47 -5.07 -29.82
N LEU A 68 8.01 -6.20 -29.28
CA LEU A 68 7.47 -6.22 -27.92
C LEU A 68 8.54 -5.89 -26.89
N TYR A 69 9.77 -6.35 -27.12
CA TYR A 69 10.86 -6.07 -26.20
C TYR A 69 11.11 -4.57 -26.13
N GLU A 70 11.27 -3.93 -27.30
CA GLU A 70 11.52 -2.49 -27.31
C GLU A 70 10.32 -1.72 -26.79
N LEU A 71 9.13 -2.28 -26.97
CA LEU A 71 7.94 -1.74 -26.33
C LEU A 71 8.05 -1.79 -24.81
N LEU A 72 8.40 -2.96 -24.28
CA LEU A 72 8.56 -3.06 -22.84
C LEU A 72 9.61 -2.06 -22.35
N GLN A 73 10.67 -1.85 -23.14
CA GLN A 73 11.72 -0.93 -22.73
C GLN A 73 11.23 0.52 -22.75
N HIS A 74 10.45 0.90 -23.76
CA HIS A 74 9.88 2.25 -23.74
C HIS A 74 8.92 2.42 -22.57
N ILE A 75 8.31 1.33 -22.10
CA ILE A 75 7.41 1.43 -20.96
C ILE A 75 8.20 1.60 -19.67
N LEU A 76 9.35 0.94 -19.55
CA LEU A 76 10.17 1.08 -18.35
C LEU A 76 10.86 2.43 -18.30
N ALA A 77 11.20 2.98 -19.47
CA ALA A 77 11.91 4.26 -19.55
C ALA A 77 11.02 5.45 -19.23
N GLN A 78 9.70 5.28 -19.29
CA GLN A 78 8.76 6.37 -19.07
C GLN A 78 7.50 5.80 -18.45
N PRO A 79 7.51 5.52 -17.14
CA PRO A 79 6.35 4.90 -16.50
C PRO A 79 5.13 5.81 -16.54
N ALA A 80 3.97 5.21 -16.78
CA ALA A 80 2.76 5.99 -17.04
C ALA A 80 2.29 6.69 -15.77
N ALA A 81 1.84 7.94 -15.94
CA ALA A 81 1.33 8.72 -14.81
C ALA A 81 0.05 8.08 -14.27
N GLY A 82 -0.13 8.20 -12.96
CA GLY A 82 -1.24 7.55 -12.29
C GLY A 82 -2.49 8.41 -12.22
N ASP A 83 -3.64 7.74 -12.15
CA ASP A 83 -4.91 8.43 -11.98
C ASP A 83 -5.06 8.85 -10.52
N GLU A 84 -5.22 10.16 -10.30
CA GLU A 84 -5.16 10.68 -8.94
C GLU A 84 -6.28 10.12 -8.06
N LEU A 85 -7.46 9.92 -8.62
CA LEU A 85 -8.57 9.41 -7.82
C LEU A 85 -8.33 7.97 -7.40
N LYS A 86 -7.77 7.14 -8.29
CA LYS A 86 -7.46 5.78 -7.89
C LYS A 86 -6.33 5.75 -6.86
N ILE A 87 -5.45 6.75 -6.85
CA ILE A 87 -4.38 6.76 -5.86
C ILE A 87 -4.89 7.27 -4.53
N ASN A 88 -5.76 8.27 -4.54
CA ASN A 88 -6.39 8.71 -3.29
C ASN A 88 -7.10 7.56 -2.62
N ALA A 89 -7.89 6.80 -3.39
CA ALA A 89 -8.64 5.67 -2.85
C ALA A 89 -7.71 4.60 -2.33
N ALA A 90 -6.69 4.25 -3.12
CA ALA A 90 -5.69 3.29 -2.65
C ALA A 90 -5.09 3.74 -1.32
N CYS A 91 -4.64 4.99 -1.25
N CYS A 91 -4.64 4.99 -1.27
CA CYS A 91 -4.01 5.49 -0.03
CA CYS A 91 -4.01 5.51 -0.05
C CYS A 91 -4.98 5.47 1.14
C CYS A 91 -4.98 5.48 1.13
N ARG A 92 -6.24 5.84 0.90
CA ARG A 92 -7.23 5.82 1.96
C ARG A 92 -7.52 4.39 2.44
N LYS A 93 -7.50 3.41 1.52
CA LYS A 93 -7.73 2.01 1.88
C LYS A 93 -6.59 1.46 2.72
N VAL A 94 -5.35 1.78 2.34
CA VAL A 94 -4.21 1.30 3.10
C VAL A 94 -4.17 1.98 4.46
N GLN A 95 -4.47 3.27 4.50
CA GLN A 95 -4.51 3.98 5.76
C GLN A 95 -5.45 3.32 6.75
N HIS A 96 -6.65 2.98 6.32
CA HIS A 96 -7.63 2.39 7.24
C HIS A 96 -7.19 1.01 7.70
N MET A 97 -6.82 0.14 6.74
CA MET A 97 -6.24 -1.16 7.06
C MET A 97 -5.21 -1.05 8.18
N VAL A 98 -4.18 -0.24 7.95
CA VAL A 98 -2.98 -0.27 8.78
C VAL A 98 -3.27 0.30 10.17
N VAL A 99 -3.96 1.45 10.24
CA VAL A 99 -4.24 2.05 11.54
C VAL A 99 -5.23 1.21 12.33
N LYS A 100 -6.22 0.61 11.66
CA LYS A 100 -7.12 -0.30 12.37
C LYS A 100 -6.36 -1.44 13.02
N ALA A 101 -5.42 -2.05 12.29
CA ALA A 101 -4.69 -3.18 12.84
C ALA A 101 -3.84 -2.76 14.03
N ALA A 102 -3.14 -1.62 13.92
CA ALA A 102 -2.26 -1.17 15.01
C ALA A 102 -3.04 -0.92 16.29
N LEU A 103 -4.22 -0.28 16.19
CA LEU A 103 -5.04 -0.06 17.39
C LEU A 103 -5.53 -1.37 18.00
N LEU A 104 -5.79 -2.39 17.18
CA LEU A 104 -6.19 -3.70 17.69
C LEU A 104 -5.01 -4.47 18.27
N ALA A 105 -3.82 -4.29 17.71
CA ALA A 105 -2.66 -5.04 18.20
C ALA A 105 -2.18 -4.50 19.55
N ASP A 106 -2.07 -3.18 19.69
CA ASP A 106 -1.40 -2.61 20.86
C ASP A 106 -2.32 -1.78 21.74
N LYS A 107 -3.60 -1.68 21.40
CA LYS A 107 -4.63 -1.14 22.28
C LYS A 107 -4.22 0.21 22.87
N PHE A 108 -3.80 1.11 21.99
CA PHE A 108 -3.40 2.46 22.38
C PHE A 108 -4.58 3.23 22.96
N PRO A 109 -4.38 3.93 24.07
CA PRO A 109 -5.48 4.69 24.67
C PRO A 109 -5.80 6.00 23.96
N VAL A 110 -4.79 6.64 23.36
N VAL A 110 -4.80 6.65 23.37
CA VAL A 110 -4.93 7.92 22.67
CA VAL A 110 -5.01 7.89 22.63
C VAL A 110 -4.30 7.79 21.28
C VAL A 110 -4.34 7.77 21.27
N LEU A 111 -4.92 8.44 20.29
CA LEU A 111 -4.30 8.62 18.97
C LEU A 111 -4.10 10.11 18.72
N HIS A 112 -2.85 10.51 18.44
CA HIS A 112 -2.48 11.86 18.04
C HIS A 112 -2.28 11.88 16.53
N ASP A 113 -3.23 12.50 15.83
CA ASP A 113 -3.24 12.50 14.36
C ASP A 113 -2.59 13.81 13.93
N ILE A 114 -1.34 13.75 13.46
CA ILE A 114 -0.55 14.95 13.17
C ILE A 114 -0.46 15.14 11.66
N GLY A 115 -0.96 16.28 11.18
CA GLY A 115 -1.07 16.54 9.77
C GLY A 115 -2.46 16.34 9.19
N ASN A 116 -3.50 16.38 10.03
CA ASN A 116 -4.85 16.08 9.58
C ASN A 116 -5.65 17.36 9.66
N PRO A 117 -5.82 18.09 8.56
CA PRO A 117 -6.49 19.40 8.61
C PRO A 117 -7.99 19.32 8.58
N LYS A 118 -8.56 18.13 8.39
CA LYS A 118 -10.00 17.95 8.19
C LYS A 118 -10.67 17.22 9.36
N ALA A 119 -9.90 16.78 10.36
CA ALA A 119 -10.46 16.18 11.57
C ALA A 119 -11.31 14.95 11.22
N ILE A 120 -10.80 14.16 10.28
CA ILE A 120 -11.47 12.96 9.81
C ILE A 120 -10.72 11.77 10.38
N LYS A 121 -11.44 10.89 11.08
CA LYS A 121 -10.86 9.67 11.62
C LYS A 121 -10.76 8.63 10.52
N CYS A 122 -9.60 7.99 10.37
CA CYS A 122 -9.58 6.91 9.40
C CYS A 122 -10.10 5.59 9.99
N VAL A 123 -10.37 5.52 11.29
CA VAL A 123 -10.97 4.35 11.93
C VAL A 123 -12.02 4.86 12.91
N PRO A 124 -13.17 5.35 12.44
CA PRO A 124 -14.17 5.91 13.36
C PRO A 124 -14.75 4.90 14.35
N GLN A 125 -14.67 3.60 14.08
CA GLN A 125 -15.28 2.62 14.97
C GLN A 125 -14.38 2.19 16.12
N ALA A 126 -13.16 2.72 16.20
CA ALA A 126 -12.20 2.29 17.21
C ALA A 126 -12.47 2.94 18.57
N ASP A 127 -12.22 2.15 19.62
CA ASP A 127 -12.28 2.65 21.00
C ASP A 127 -10.92 3.26 21.33
N VAL A 128 -10.80 4.55 21.06
CA VAL A 128 -9.59 5.32 21.35
C VAL A 128 -9.98 6.79 21.36
N GLU A 129 -9.29 7.58 22.16
CA GLU A 129 -9.43 9.03 22.14
C GLU A 129 -8.66 9.59 20.94
N TRP A 130 -9.36 10.20 19.99
CA TRP A 130 -8.76 10.73 18.78
C TRP A 130 -8.52 12.23 18.93
N LYS A 131 -7.27 12.66 18.70
CA LYS A 131 -6.91 14.08 18.78
C LYS A 131 -6.17 14.52 17.52
N PHE A 132 -6.58 15.67 16.97
CA PHE A 132 -6.13 16.17 15.66
C PHE A 132 -5.23 17.39 15.80
N TYR A 133 -4.22 17.47 14.90
CA TYR A 133 -3.25 18.55 14.88
C TYR A 133 -2.90 18.87 13.43
N ASP A 134 -2.66 20.14 13.15
CA ASP A 134 -2.21 20.55 11.82
C ASP A 134 -1.65 21.97 11.86
N ALA A 135 -0.62 22.22 11.05
CA ALA A 135 -0.05 23.55 10.97
C ALA A 135 -1.01 24.55 10.34
N GLN A 136 -1.89 24.09 9.44
CA GLN A 136 -2.83 24.96 8.73
C GLN A 136 -4.18 24.26 8.65
N PRO A 137 -4.96 24.32 9.72
CA PRO A 137 -6.23 23.60 9.74
C PRO A 137 -7.20 24.22 8.76
N CYS A 138 -8.10 23.39 8.22
CA CYS A 138 -9.21 23.93 7.43
C CYS A 138 -10.07 24.78 8.35
N SER A 139 -10.37 26.00 7.91
CA SER A 139 -11.06 26.92 8.81
C SER A 139 -12.43 26.38 9.23
N ASP A 140 -13.02 25.49 8.42
CA ASP A 140 -14.28 24.84 8.75
C ASP A 140 -14.12 23.65 9.69
N LYS A 141 -12.90 23.29 10.06
CA LYS A 141 -12.69 22.23 11.03
C LYS A 141 -11.68 22.65 12.10
N ALA A 142 -11.29 23.93 12.14
CA ALA A 142 -10.25 24.34 13.09
C ALA A 142 -10.75 24.34 14.53
N TYR A 143 -12.07 24.41 14.74
CA TYR A 143 -12.60 24.40 16.10
C TYR A 143 -12.26 23.12 16.87
N LYS A 144 -11.95 22.02 16.19
CA LYS A 144 -11.56 20.81 16.89
C LYS A 144 -10.20 20.29 16.42
N ILE A 145 -9.30 21.18 16.05
CA ILE A 145 -7.94 20.84 15.63
C ILE A 145 -6.97 21.79 16.31
N GLU A 146 -5.93 21.23 16.92
CA GLU A 146 -4.85 22.03 17.49
C GLU A 146 -3.99 22.52 16.35
N GLU A 147 -3.77 23.84 16.28
CA GLU A 147 -2.88 24.42 15.27
C GLU A 147 -1.45 24.26 15.77
N LEU A 148 -0.67 23.43 15.08
CA LEU A 148 0.63 23.03 15.60
C LEU A 148 1.50 22.62 14.42
N PHE A 149 2.75 23.09 14.42
CA PHE A 149 3.73 22.62 13.45
C PHE A 149 4.66 21.65 14.17
N TYR A 150 4.62 20.38 13.80
CA TYR A 150 5.41 19.37 14.50
C TYR A 150 6.86 19.44 14.07
N SER A 151 7.74 19.53 15.06
CA SER A 151 9.17 19.39 14.87
C SER A 151 9.65 18.47 15.98
N TYR A 152 10.38 17.41 15.60
CA TYR A 152 10.95 16.54 16.62
C TYR A 152 11.81 17.32 17.60
N ALA A 153 12.52 18.34 17.12
CA ALA A 153 13.39 19.10 18.00
C ALA A 153 12.60 19.79 19.12
N THR A 154 11.34 20.14 18.84
CA THR A 154 10.50 20.88 19.77
CA THR A 154 10.53 20.87 19.79
C THR A 154 9.50 20.01 20.54
N HIS A 155 9.07 18.87 19.97
CA HIS A 155 7.97 18.10 20.55
C HIS A 155 8.35 16.66 20.90
N SER A 156 9.63 16.31 20.87
CA SER A 156 10.04 14.94 21.16
C SER A 156 9.58 14.48 22.53
N ASP A 157 9.30 15.41 23.44
CA ASP A 157 8.87 15.02 24.77
CA ASP A 157 8.88 15.08 24.79
C ASP A 157 7.37 15.03 24.93
N LYS A 158 6.63 15.42 23.91
CA LYS A 158 5.18 15.44 23.97
C LYS A 158 4.61 14.22 23.24
N PHE A 159 3.29 14.04 23.38
CA PHE A 159 2.55 12.97 22.71
C PHE A 159 3.15 11.60 23.02
N THR A 160 3.56 11.41 24.26
CA THR A 160 4.23 10.17 24.62
C THR A 160 3.26 9.07 25.04
N ASP A 161 1.97 9.37 25.17
CA ASP A 161 0.95 8.36 25.41
C ASP A 161 0.28 7.96 24.10
N GLY A 162 -0.20 6.72 24.04
CA GLY A 162 -0.84 6.25 22.82
C GLY A 162 0.11 6.25 21.64
N VAL A 163 -0.41 6.61 20.46
CA VAL A 163 0.33 6.49 19.22
C VAL A 163 0.12 7.75 18.39
N CYS A 164 1.14 8.12 17.62
CA CYS A 164 1.06 9.25 16.69
C CYS A 164 0.90 8.74 15.26
N LEU A 165 0.09 9.44 14.48
CA LEU A 165 -0.17 9.08 13.09
C LEU A 165 0.32 10.22 12.20
N PHE A 166 1.24 9.91 11.28
CA PHE A 166 1.76 10.87 10.30
C PHE A 166 1.48 10.30 8.92
N TRP A 167 0.25 10.47 8.44
CA TRP A 167 -0.08 9.92 7.12
C TRP A 167 0.22 10.99 6.08
N ASN A 168 1.41 10.90 5.49
CA ASN A 168 1.89 11.90 4.51
C ASN A 168 2.02 13.28 5.12
N CYS A 169 2.52 13.34 6.34
CA CYS A 169 2.93 14.59 6.97
C CYS A 169 4.45 14.48 7.14
N ASN A 170 5.19 15.12 6.24
CA ASN A 170 6.64 14.96 6.18
C ASN A 170 7.30 15.92 7.18
N VAL A 171 7.74 15.39 8.31
CA VAL A 171 8.36 16.18 9.36
C VAL A 171 9.84 15.78 9.45
N ASP A 172 10.61 16.54 10.23
CA ASP A 172 12.05 16.37 10.25
C ASP A 172 12.45 14.98 10.75
N ARG A 173 11.73 14.46 11.75
CA ARG A 173 12.05 13.15 12.31
C ARG A 173 10.84 12.66 13.10
N TYR A 174 10.43 11.43 12.83
CA TYR A 174 9.24 10.87 13.46
C TYR A 174 9.58 10.36 14.86
N PRO A 175 8.67 10.53 15.82
CA PRO A 175 8.89 9.96 17.15
C PRO A 175 8.65 8.44 17.16
N ALA A 176 9.13 7.81 18.23
CA ALA A 176 9.17 6.36 18.28
C ALA A 176 7.79 5.71 18.23
N ASN A 177 6.76 6.39 18.72
CA ASN A 177 5.43 5.77 18.78
C ASN A 177 4.58 6.28 17.61
N SER A 178 5.00 5.92 16.40
CA SER A 178 4.43 6.50 15.19
C SER A 178 3.96 5.44 14.20
N ILE A 179 2.98 5.85 13.39
CA ILE A 179 2.54 5.17 12.19
C ILE A 179 2.69 6.20 11.07
N VAL A 180 3.40 5.85 10.00
CA VAL A 180 3.87 6.82 9.01
C VAL A 180 3.60 6.33 7.58
N CYS A 181 3.09 7.22 6.74
CA CYS A 181 3.14 7.08 5.29
C CYS A 181 3.89 8.27 4.72
N ARG A 182 4.83 8.00 3.81
CA ARG A 182 5.72 9.02 3.29
C ARG A 182 5.82 8.93 1.78
N PHE A 183 5.65 10.05 1.09
CA PHE A 183 5.77 10.08 -0.37
C PHE A 183 7.17 10.48 -0.78
N ASP A 184 7.75 9.75 -1.73
CA ASP A 184 9.05 10.08 -2.29
C ASP A 184 8.90 11.10 -3.41
N LYS A 215 16.98 9.13 4.78
CA LYS A 215 16.48 8.04 5.61
C LYS A 215 16.69 8.39 7.10
N SER A 216 17.23 9.57 7.34
CA SER A 216 17.50 10.03 8.70
C SER A 216 16.22 10.31 9.48
N ALA A 217 15.12 10.59 8.79
CA ALA A 217 13.86 10.85 9.47
C ALA A 217 13.28 9.60 10.14
N PHE A 218 13.70 8.40 9.71
CA PHE A 218 13.03 7.15 10.07
C PHE A 218 13.81 6.31 11.08
N VAL A 219 14.83 6.88 11.72
CA VAL A 219 15.66 6.10 12.63
C VAL A 219 14.86 5.51 13.78
N ASN A 220 13.82 6.21 14.24
CA ASN A 220 13.08 5.66 15.37
C ASN A 220 12.11 4.55 14.97
N LEU A 221 12.00 4.25 13.66
CA LEU A 221 10.94 3.41 13.13
C LEU A 221 11.52 2.24 12.37
N LYS A 222 10.64 1.33 11.95
CA LYS A 222 11.00 0.26 11.04
C LYS A 222 10.04 0.28 9.86
N GLN A 223 10.47 -0.30 8.75
CA GLN A 223 9.59 -0.44 7.60
C GLN A 223 8.42 -1.35 7.92
N LEU A 224 7.26 -0.99 7.39
CA LEU A 224 6.07 -1.79 7.59
C LEU A 224 5.98 -2.81 6.46
N PRO A 225 6.15 -4.09 6.74
CA PRO A 225 5.98 -5.10 5.69
C PRO A 225 4.52 -5.32 5.36
N PHE A 226 4.29 -5.91 4.19
CA PHE A 226 2.93 -6.09 3.73
C PHE A 226 2.18 -7.10 4.58
N PHE A 227 0.91 -6.79 4.88
CA PHE A 227 0.00 -7.74 5.49
C PHE A 227 -1.41 -7.29 5.17
N TYR A 228 -2.34 -8.23 5.22
CA TYR A 228 -3.76 -7.91 5.16
C TYR A 228 -4.41 -8.49 6.42
N TYR A 229 -5.21 -7.69 7.11
CA TYR A 229 -5.93 -8.14 8.29
C TYR A 229 -7.43 -7.92 8.11
N SER A 230 -8.23 -8.93 8.40
CA SER A 230 -9.68 -8.71 8.38
C SER A 230 -10.36 -9.50 9.48
N ASP A 231 -11.33 -8.85 10.13
CA ASP A 231 -12.19 -9.52 11.09
C ASP A 231 -13.64 -9.56 10.64
N SER A 232 -13.92 -9.29 9.38
CA SER A 232 -15.27 -9.49 8.88
C SER A 232 -15.58 -10.99 8.81
N PRO A 233 -16.86 -11.36 8.85
CA PRO A 233 -17.23 -12.77 8.85
C PRO A 233 -16.81 -13.46 7.56
N CYS A 234 -16.51 -14.74 7.68
CA CYS A 234 -16.13 -15.53 6.52
C CYS A 234 -17.37 -15.98 5.75
N GLU A 235 -17.19 -16.10 4.44
CA GLU A 235 -18.22 -16.60 3.53
C GLU A 235 -17.53 -17.36 2.41
N SER A 236 -18.14 -18.44 1.95
CA SER A 236 -17.60 -19.20 0.83
C SER A 236 -18.13 -18.68 -0.50
N LEU A 250 -6.23 -19.23 -2.58
CA LEU A 250 -5.15 -18.34 -2.14
C LEU A 250 -4.31 -18.95 -1.02
N LYS A 251 -2.99 -18.82 -1.14
CA LYS A 251 -2.05 -19.25 -0.12
C LYS A 251 -1.05 -18.13 0.10
N SER A 252 -0.95 -17.65 1.35
CA SER A 252 0.03 -16.63 1.73
C SER A 252 0.01 -16.45 3.24
N ALA A 253 1.18 -16.25 3.83
CA ALA A 253 1.30 -16.04 5.27
C ALA A 253 0.95 -14.63 5.72
N THR A 254 0.57 -13.76 4.78
CA THR A 254 0.26 -12.37 5.08
C THR A 254 -1.23 -12.08 5.08
N CYS A 255 -2.06 -13.11 5.00
CA CYS A 255 -3.52 -12.97 5.02
CA CYS A 255 -3.52 -12.95 5.02
C CYS A 255 -4.01 -13.29 6.43
N ILE A 256 -4.06 -12.26 7.27
CA ILE A 256 -4.34 -12.46 8.69
C ILE A 256 -5.86 -12.41 8.86
N THR A 257 -6.50 -13.57 8.69
CA THR A 257 -7.94 -13.76 8.80
C THR A 257 -8.22 -15.07 9.53
N ARG A 258 -9.40 -15.17 10.14
CA ARG A 258 -9.77 -16.37 10.88
CA ARG A 258 -9.75 -16.37 10.90
C ARG A 258 -9.69 -17.61 10.01
N CYS A 259 -10.19 -17.52 8.78
CA CYS A 259 -10.19 -18.67 7.89
C CYS A 259 -8.79 -19.11 7.50
N ASN A 260 -7.78 -18.27 7.69
CA ASN A 260 -6.42 -18.67 7.31
C ASN A 260 -5.62 -19.23 8.48
N LEU A 261 -6.21 -19.32 9.68
CA LEU A 261 -5.56 -20.05 10.76
C LEU A 261 -5.27 -21.49 10.35
N GLY A 262 -6.20 -22.11 9.64
CA GLY A 262 -6.07 -23.45 9.08
C GLY A 262 -5.61 -23.49 7.64
N GLY A 263 -5.27 -22.34 7.05
CA GLY A 263 -4.75 -22.31 5.69
C GLY A 263 -5.78 -22.42 4.59
N ALA A 264 -7.07 -22.33 4.90
CA ALA A 264 -8.13 -22.51 3.93
C ALA A 264 -8.95 -21.22 3.82
N VAL A 265 -8.34 -20.19 3.21
CA VAL A 265 -8.96 -18.88 3.19
C VAL A 265 -10.27 -18.94 2.40
N CYS A 266 -11.31 -18.32 2.96
CA CYS A 266 -12.61 -18.36 2.32
C CYS A 266 -12.59 -17.51 1.07
N ARG A 267 -13.52 -17.78 0.16
CA ARG A 267 -13.54 -17.05 -1.11
C ARG A 267 -13.64 -15.55 -0.89
N HIS A 268 -14.37 -15.13 0.16
CA HIS A 268 -14.59 -13.72 0.42
C HIS A 268 -13.30 -13.00 0.78
N HIS A 269 -12.62 -13.47 1.84
CA HIS A 269 -11.36 -12.85 2.22
C HIS A 269 -10.32 -12.99 1.11
N ALA A 270 -10.37 -14.07 0.34
CA ALA A 270 -9.51 -14.16 -0.83
C ALA A 270 -9.71 -12.98 -1.75
N ASN A 271 -10.95 -12.74 -2.17
CA ASN A 271 -11.22 -11.59 -3.04
C ASN A 271 -10.83 -10.28 -2.35
N GLU A 272 -11.09 -10.18 -1.04
CA GLU A 272 -10.74 -8.94 -0.33
C GLU A 272 -9.24 -8.79 -0.18
N TYR A 273 -8.52 -9.89 0.05
CA TYR A 273 -7.07 -9.82 0.03
C TYR A 273 -6.57 -9.30 -1.31
N ARG A 274 -7.09 -9.85 -2.42
CA ARG A 274 -6.56 -9.47 -3.71
C ARG A 274 -6.89 -8.03 -4.06
N LEU A 275 -8.06 -7.55 -3.66
CA LEU A 275 -8.34 -6.12 -3.81
C LEU A 275 -7.36 -5.28 -2.99
N TYR A 276 -7.09 -5.70 -1.75
CA TYR A 276 -6.20 -4.91 -0.93
C TYR A 276 -4.77 -4.94 -1.46
N LEU A 277 -4.35 -6.04 -2.08
CA LEU A 277 -2.99 -6.08 -2.63
C LEU A 277 -2.86 -5.20 -3.86
N ASP A 278 -3.91 -5.14 -4.68
CA ASP A 278 -3.89 -4.22 -5.82
C ASP A 278 -3.79 -2.77 -5.36
N ALA A 279 -4.53 -2.40 -4.30
CA ALA A 279 -4.43 -1.05 -3.78
C ALA A 279 -3.05 -0.77 -3.21
N TYR A 280 -2.49 -1.73 -2.46
CA TYR A 280 -1.17 -1.56 -1.89
C TYR A 280 -0.13 -1.41 -2.99
N ASN A 281 -0.16 -2.29 -3.99
CA ASN A 281 0.79 -2.18 -5.10
C ASN A 281 0.68 -0.84 -5.79
N MET A 282 -0.53 -0.36 -6.02
CA MET A 282 -0.70 0.94 -6.67
C MET A 282 -0.02 2.06 -5.86
N MET A 283 -0.09 1.97 -4.54
CA MET A 283 0.52 2.98 -3.69
C MET A 283 2.05 2.87 -3.65
N ILE A 284 2.56 1.64 -3.53
CA ILE A 284 4.01 1.46 -3.49
C ILE A 284 4.62 1.82 -4.84
N SER A 285 4.02 1.34 -5.93
CA SER A 285 4.44 1.67 -7.28
C SER A 285 4.45 3.17 -7.53
N ALA A 286 3.62 3.95 -6.81
CA ALA A 286 3.58 5.39 -6.98
C ALA A 286 4.59 6.13 -6.12
N GLY A 287 5.37 5.42 -5.31
CA GLY A 287 6.43 6.05 -4.55
C GLY A 287 6.16 6.27 -3.08
N PHE A 288 5.13 5.65 -2.51
CA PHE A 288 4.92 5.75 -1.08
C PHE A 288 5.69 4.64 -0.35
N SER A 289 6.02 4.90 0.91
CA SER A 289 6.55 3.85 1.79
C SER A 289 5.88 3.98 3.15
N LEU A 290 5.78 2.85 3.85
CA LEU A 290 5.14 2.77 5.15
C LEU A 290 6.14 2.42 6.24
N TRP A 291 6.04 3.11 7.38
CA TRP A 291 6.94 2.95 8.51
C TRP A 291 6.13 2.82 9.79
N VAL A 292 6.68 2.14 10.80
CA VAL A 292 5.91 1.80 11.99
C VAL A 292 6.80 1.71 13.21
N TYR A 293 6.19 1.86 14.39
CA TYR A 293 6.90 1.70 15.65
C TYR A 293 7.46 0.30 15.75
N LYS A 294 8.68 0.19 16.28
CA LYS A 294 9.46 -1.03 16.14
C LYS A 294 8.82 -2.23 16.84
N GLN A 295 7.95 -2.02 17.84
CA GLN A 295 7.29 -3.13 18.52
C GLN A 295 6.07 -3.64 17.75
N PHE A 296 5.83 -3.19 16.53
CA PHE A 296 4.68 -3.69 15.78
C PHE A 296 4.88 -5.16 15.44
N ASP A 297 3.89 -5.98 15.78
CA ASP A 297 4.01 -7.43 15.69
C ASP A 297 2.73 -8.01 15.14
N THR A 298 2.77 -8.55 13.91
CA THR A 298 1.57 -9.15 13.32
C THR A 298 1.02 -10.31 14.16
N TYR A 299 1.84 -10.96 14.99
CA TYR A 299 1.31 -12.04 15.81
C TYR A 299 0.24 -11.53 16.77
N ASN A 300 0.34 -10.27 17.19
CA ASN A 300 -0.73 -9.66 17.99
C ASN A 300 -2.04 -9.66 17.23
N LEU A 301 -1.99 -9.60 15.90
CA LEU A 301 -3.23 -9.63 15.15
C LEU A 301 -3.78 -11.04 15.05
N TRP A 302 -2.91 -12.05 14.88
CA TRP A 302 -3.35 -13.43 14.95
C TRP A 302 -4.00 -13.74 16.28
N ASN A 303 -3.57 -13.06 17.36
CA ASN A 303 -4.13 -13.36 18.67
C ASN A 303 -5.54 -12.82 18.83
N THR A 304 -5.95 -11.87 17.99
CA THR A 304 -7.33 -11.39 18.05
C THR A 304 -8.35 -12.44 17.65
N PHE A 305 -7.95 -13.62 17.19
CA PHE A 305 -8.92 -14.59 16.71
C PHE A 305 -9.16 -15.73 17.70
ZN ZN B . -12.55 -15.84 5.82
C1 EOH C . -3.83 1.63 -20.64
C2 EOH C . -3.21 1.72 -22.02
O EOH C . -4.68 0.51 -20.51
C8 MJ7 D . -0.67 18.41 5.42
C13 MJ7 D . -2.65 14.67 4.61
C12 MJ7 D . -3.70 15.65 4.11
C11 MJ7 D . -3.29 16.42 2.85
C10 MJ7 D . -2.27 17.52 3.06
C9 MJ7 D . 0.22 18.20 4.21
C25 MJ7 D . -2.36 13.16 0.21
C26 MJ7 D . -3.72 12.43 2.77
C19 MJ7 D . -3.76 11.62 1.63
C20 MJ7 D . -2.79 11.86 0.53
C21 MJ7 D . -2.27 10.80 -0.22
C22 MJ7 D . -1.37 11.02 -1.24
C23 MJ7 D . -0.97 12.30 -1.52
C24 MJ7 D . -1.45 13.38 -0.81
C14 MJ7 D . -4.56 13.14 5.04
C15 MJ7 D . -4.61 12.24 3.83
C16 MJ7 D . -5.57 11.24 3.73
C17 MJ7 D . -5.62 10.44 2.61
C18 MJ7 D . -4.74 10.63 1.56
C2 MJ7 D . 2.05 19.74 8.99
C7 MJ7 D . -1.31 19.80 5.49
C6 MJ7 D . -0.16 20.60 6.11
C5 MJ7 D . 0.27 19.61 7.19
C4 MJ7 D . 2.81 19.71 6.93
C3 MJ7 D . 3.42 19.78 8.97
CL MJ7 D . 0.18 12.56 -2.81
N5 MJ7 D . -3.22 13.60 5.44
S MJ7 D . -0.54 16.99 3.10
O1 MJ7 D . -2.43 19.76 6.37
O MJ7 D . -0.60 21.84 6.62
O2 MJ7 D . 0.13 18.33 6.62
N4 MJ7 D . 1.65 19.72 7.68
N2 MJ7 D . 1.26 19.75 10.08
C1 MJ7 D . 1.99 19.79 11.20
N1 MJ7 D . 3.32 19.83 11.32
N3 MJ7 D . 3.89 19.77 7.66
C MJ7 D . 4.08 19.82 10.21
N MJ7 D . 5.41 19.86 10.33
K K E . 6.33 11.23 21.14
#